data_2WDB
#
_entry.id   2WDB
#
_cell.length_a   91.276
_cell.length_b   91.276
_cell.length_c   132.701
_cell.angle_alpha   90.00
_cell.angle_beta   90.00
_cell.angle_gamma   120.00
#
_symmetry.space_group_name_H-M   'P 31 2 1'
#
loop_
_entity.id
_entity.type
_entity.pdbx_description
1 polymer HYALURONOGLUCOSAMINIDASE
2 branched 2-acetamido-2-deoxy-beta-D-glucopyranose-(1-2)-alpha-D-mannopyranose
3 non-polymer 'CALCIUM ION'
4 water water
#
_entity_poly.entity_id   1
_entity_poly.type   'polypeptide(L)'
_entity_poly.pdbx_seq_one_letter_code
;MGSSHHHHHHSSGLVPRGSHMASNPSLIRSESWQVYEGNEANLLDGDDNTGVWYKTLNGDTSLAGEFIGLDLGKEIKLDG
IRFVIGKNGGGSSDKWNKFKLEYSLDNESWTTIKEYDKTGAPAGKDVIEESFETPISAKYIRLTNMENINKWLTFSEFAI
VSDELENAGNKENVYTNTELDLLSLAKEDVTK
;
_entity_poly.pdbx_strand_id   A,B,C,D
#
loop_
_chem_comp.id
_chem_comp.type
_chem_comp.name
_chem_comp.formula
CA non-polymer 'CALCIUM ION' 'Ca 2'
MAN D-saccharide, alpha linking alpha-D-mannopyranose 'C6 H12 O6'
NAG D-saccharide, beta linking 2-acetamido-2-deoxy-beta-D-glucopyranose 'C8 H15 N O6'
#
# COMPACT_ATOMS: atom_id res chain seq x y z
N ASN A 24 -12.86 -11.03 21.17
CA ASN A 24 -13.33 -9.62 21.17
C ASN A 24 -13.50 -9.03 19.75
N PRO A 25 -14.24 -7.91 19.63
CA PRO A 25 -14.36 -7.20 18.35
C PRO A 25 -13.02 -6.87 17.69
N SER A 26 -12.93 -7.06 16.38
CA SER A 26 -11.73 -6.68 15.62
C SER A 26 -11.96 -5.41 14.79
N LEU A 27 -10.89 -4.62 14.63
CA LEU A 27 -10.92 -3.39 13.85
C LEU A 27 -11.18 -3.66 12.36
N ILE A 28 -12.00 -2.79 11.75
CA ILE A 28 -12.19 -2.74 10.30
C ILE A 28 -12.17 -1.29 9.84
N ARG A 29 -11.50 -1.02 8.72
CA ARG A 29 -11.45 0.33 8.19
C ARG A 29 -11.14 0.35 6.69
N SER A 30 -11.30 1.52 6.06
CA SER A 30 -11.11 1.67 4.62
C SER A 30 -9.72 1.19 4.29
N GLU A 31 -9.61 0.25 3.35
CA GLU A 31 -8.34 -0.38 3.02
C GLU A 31 -7.28 0.56 2.49
N SER A 32 -7.70 1.68 1.88
CA SER A 32 -6.76 2.60 1.23
C SER A 32 -5.93 3.44 2.21
N TRP A 33 -6.45 3.65 3.42
CA TRP A 33 -5.72 4.42 4.44
C TRP A 33 -4.34 3.80 4.74
N GLN A 34 -3.39 4.67 5.10
CA GLN A 34 -2.05 4.26 5.50
C GLN A 34 -1.77 4.86 6.91
N VAL A 35 -1.17 4.08 7.79
CA VAL A 35 -0.81 4.61 9.13
C VAL A 35 0.36 5.57 9.01
N TYR A 36 0.20 6.77 9.56
CA TYR A 36 1.25 7.79 9.51
C TYR A 36 1.97 7.89 10.86
N GLU A 37 1.19 7.96 11.95
CA GLU A 37 1.73 7.93 13.30
C GLU A 37 0.83 7.10 14.20
N GLY A 38 1.42 6.46 15.21
CA GLY A 38 0.69 5.59 16.12
C GLY A 38 0.50 4.19 15.56
N ASN A 39 -0.31 3.37 16.22
CA ASN A 39 -0.65 2.04 15.73
C ASN A 39 -2.14 1.78 15.82
N GLU A 40 -2.64 0.84 15.00
CA GLU A 40 -4.07 0.54 14.93
C GLU A 40 -4.56 -0.18 16.19
N ALA A 41 -3.66 -0.90 16.85
CA ALA A 41 -4.00 -1.54 18.11
C ALA A 41 -4.29 -0.50 19.22
N ASN A 42 -3.69 0.69 19.10
CA ASN A 42 -4.04 1.83 19.97
C ASN A 42 -5.53 2.21 19.98
N LEU A 43 -6.31 1.70 19.03
CA LEU A 43 -7.76 1.98 18.96
C LEU A 43 -8.61 0.99 19.71
N LEU A 44 -7.98 -0.01 20.34
CA LEU A 44 -8.73 -1.03 21.10
C LEU A 44 -8.14 -1.26 22.50
N ASP A 45 -7.18 -0.41 22.89
CA ASP A 45 -6.46 -0.58 24.16
C ASP A 45 -7.11 0.12 25.39
N GLY A 46 -8.32 0.68 25.21
CA GLY A 46 -9.05 1.29 26.31
C GLY A 46 -8.51 2.60 26.85
N ASP A 47 -7.51 3.16 26.18
CA ASP A 47 -6.93 4.45 26.59
C ASP A 47 -7.27 5.55 25.57
N ASP A 48 -7.98 6.59 26.01
CA ASP A 48 -8.37 7.70 25.13
C ASP A 48 -7.16 8.48 24.62
N ASN A 49 -6.07 8.45 25.38
CA ASN A 49 -4.89 9.25 25.03
C ASN A 49 -3.86 8.50 24.19
N THR A 50 -4.30 7.41 23.56
CA THR A 50 -3.52 6.70 22.53
C THR A 50 -4.40 6.52 21.30
N GLY A 51 -3.91 6.92 20.15
CA GLY A 51 -4.67 6.78 18.92
C GLY A 51 -3.79 6.60 17.70
N VAL A 52 -4.38 6.82 16.54
CA VAL A 52 -3.68 6.60 15.29
C VAL A 52 -3.96 7.78 14.33
N TRP A 53 -2.95 8.12 13.55
CA TRP A 53 -3.05 9.13 12.50
C TRP A 53 -2.93 8.41 11.14
N TYR A 54 -4.02 8.41 10.38
CA TYR A 54 -4.08 7.74 9.09
C TYR A 54 -3.87 8.72 7.95
N LYS A 55 -2.95 8.42 7.04
CA LYS A 55 -2.82 9.19 5.81
C LYS A 55 -3.91 8.72 4.84
N THR A 56 -4.59 9.68 4.23
CA THR A 56 -5.60 9.40 3.21
C THR A 56 -5.03 9.69 1.82
N LEU A 57 -5.45 8.88 0.83
CA LEU A 57 -5.04 9.05 -0.56
C LEU A 57 -6.02 9.98 -1.26
N ASN A 58 -6.17 9.84 -2.58
CA ASN A 58 -7.09 10.69 -3.36
C ASN A 58 -6.78 12.18 -3.21
N GLY A 59 -5.49 12.50 -3.09
CA GLY A 59 -5.06 13.87 -2.87
C GLY A 59 -5.39 14.33 -1.46
N ASP A 60 -4.96 13.54 -0.48
CA ASP A 60 -5.17 13.83 0.95
C ASP A 60 -6.63 14.13 1.24
N THR A 61 -7.50 13.26 0.75
CA THR A 61 -8.94 13.42 0.86
C THR A 61 -9.56 12.11 1.31
N SER A 62 -10.44 12.21 2.30
CA SER A 62 -11.30 11.11 2.72
C SER A 62 -12.63 11.33 2.01
N LEU A 63 -12.97 10.41 1.10
CA LEU A 63 -14.24 10.46 0.38
C LEU A 63 -15.39 10.13 1.30
N ALA A 64 -16.56 10.73 1.04
CA ALA A 64 -17.79 10.20 1.61
C ALA A 64 -17.80 8.69 1.38
N GLY A 65 -18.21 7.91 2.38
CA GLY A 65 -18.31 6.45 2.23
C GLY A 65 -17.17 5.66 2.86
N GLU A 66 -16.05 6.31 3.12
CA GLU A 66 -14.96 5.70 3.88
C GLU A 66 -15.36 5.50 5.33
N PHE A 67 -14.70 4.57 6.03
CA PHE A 67 -15.19 4.13 7.34
C PHE A 67 -14.15 3.51 8.26
N ILE A 68 -14.50 3.47 9.55
CA ILE A 68 -13.74 2.75 10.56
C ILE A 68 -14.72 2.22 11.58
N GLY A 69 -14.57 0.96 11.98
CA GLY A 69 -15.45 0.35 12.94
C GLY A 69 -15.00 -1.00 13.44
N LEU A 70 -15.98 -1.83 13.79
CA LEU A 70 -15.73 -3.10 14.43
C LEU A 70 -16.45 -4.24 13.72
N ASP A 71 -15.77 -5.38 13.62
CA ASP A 71 -16.36 -6.65 13.21
C ASP A 71 -16.56 -7.40 14.52
N LEU A 72 -17.80 -7.72 14.85
CA LEU A 72 -18.13 -8.24 16.18
C LEU A 72 -18.01 -9.77 16.32
N GLY A 73 -17.82 -10.48 15.21
CA GLY A 73 -17.64 -11.95 15.24
C GLY A 73 -18.89 -12.72 14.88
N LYS A 74 -19.94 -12.56 15.67
CA LYS A 74 -21.26 -13.12 15.36
C LYS A 74 -22.30 -12.01 15.46
N GLU A 75 -23.57 -12.37 15.34
CA GLU A 75 -24.67 -11.40 15.51
C GLU A 75 -25.01 -11.19 16.99
N ILE A 76 -24.25 -10.31 17.65
CA ILE A 76 -24.51 -9.92 19.04
C ILE A 76 -25.47 -8.73 19.11
N LYS A 77 -26.18 -8.63 20.22
CA LYS A 77 -27.15 -7.56 20.43
C LYS A 77 -26.53 -6.48 21.31
N LEU A 78 -26.42 -5.28 20.73
CA LEU A 78 -25.69 -4.17 21.35
C LEU A 78 -26.61 -3.25 22.15
N ASP A 79 -26.07 -2.71 23.25
CA ASP A 79 -26.78 -1.72 24.07
C ASP A 79 -26.20 -0.31 23.93
N GLY A 80 -25.06 -0.22 23.23
CA GLY A 80 -24.40 1.07 23.02
C GLY A 80 -23.03 0.96 22.38
N ILE A 81 -22.49 2.11 22.00
CA ILE A 81 -21.14 2.21 21.48
C ILE A 81 -20.47 3.40 22.14
N ARG A 82 -19.14 3.35 22.19
CA ARG A 82 -18.35 4.50 22.58
C ARG A 82 -17.16 4.61 21.64
N PHE A 83 -17.24 5.55 20.70
CA PHE A 83 -16.18 5.80 19.74
C PHE A 83 -15.52 7.15 20.01
N VAL A 84 -14.20 7.16 20.15
CA VAL A 84 -13.47 8.40 20.29
C VAL A 84 -12.74 8.71 18.99
N ILE A 85 -13.10 9.84 18.37
CA ILE A 85 -12.50 10.30 17.14
C ILE A 85 -11.51 11.40 17.44
N GLY A 86 -10.63 11.69 16.50
CA GLY A 86 -9.58 12.66 16.72
C GLY A 86 -8.61 12.17 17.78
N LYS A 87 -7.62 13.01 18.08
CA LYS A 87 -6.64 12.76 19.14
C LYS A 87 -5.90 14.08 19.44
N ASN A 88 -5.01 14.09 20.42
CA ASN A 88 -4.28 15.34 20.69
C ASN A 88 -2.97 15.49 19.91
N GLY A 89 -2.50 16.73 19.85
CA GLY A 89 -1.29 17.08 19.13
C GLY A 89 -1.44 16.93 17.63
N GLY A 90 -0.64 16.03 17.08
CA GLY A 90 -0.59 15.81 15.66
C GLY A 90 -1.94 15.33 15.15
N GLY A 91 -2.43 16.02 14.12
CA GLY A 91 -3.64 15.63 13.42
C GLY A 91 -4.91 15.74 14.26
N SER A 92 -4.86 16.58 15.30
CA SER A 92 -6.00 16.80 16.17
C SER A 92 -7.22 17.37 15.45
N SER A 93 -6.96 18.18 14.41
CA SER A 93 -8.03 18.73 13.58
C SER A 93 -8.43 17.81 12.41
N ASP A 94 -7.77 16.67 12.26
CA ASP A 94 -7.99 15.77 11.14
C ASP A 94 -9.15 14.83 11.47
N LYS A 95 -10.37 15.34 11.28
CA LYS A 95 -11.59 14.60 11.59
C LYS A 95 -12.64 14.90 10.53
N TRP A 96 -13.52 13.94 10.32
CA TRP A 96 -14.67 14.12 9.45
C TRP A 96 -15.57 15.27 9.95
N ASN A 97 -16.21 15.98 9.03
CA ASN A 97 -17.22 16.97 9.39
C ASN A 97 -18.57 16.31 9.53
N LYS A 98 -18.91 15.51 8.52
CA LYS A 98 -20.21 14.85 8.45
C LYS A 98 -19.98 13.35 8.35
N PHE A 99 -20.65 12.59 9.22
CA PHE A 99 -20.50 11.14 9.26
C PHE A 99 -21.74 10.46 9.81
N LYS A 100 -21.81 9.15 9.71
CA LYS A 100 -22.94 8.38 10.24
C LYS A 100 -22.46 7.16 11.02
N LEU A 101 -23.27 6.78 11.99
CA LEU A 101 -23.15 5.49 12.66
C LEU A 101 -24.13 4.54 11.97
N GLU A 102 -23.59 3.44 11.46
CA GLU A 102 -24.37 2.41 10.77
C GLU A 102 -23.95 1.02 11.23
N TYR A 103 -24.85 0.05 11.11
CA TYR A 103 -24.56 -1.34 11.48
C TYR A 103 -24.98 -2.29 10.34
N SER A 104 -24.57 -3.55 10.44
CA SER A 104 -24.81 -4.53 9.37
C SER A 104 -24.73 -5.96 9.88
N LEU A 105 -25.40 -6.85 9.15
CA LEU A 105 -25.36 -8.29 9.39
C LEU A 105 -24.35 -8.99 8.48
N ASP A 106 -24.17 -8.48 7.26
CA ASP A 106 -23.40 -9.17 6.22
C ASP A 106 -22.18 -8.41 5.67
N ASN A 107 -21.92 -7.23 6.19
CA ASN A 107 -20.84 -6.39 5.68
C ASN A 107 -21.08 -5.90 4.25
N GLU A 108 -22.33 -5.93 3.81
CA GLU A 108 -22.71 -5.48 2.47
C GLU A 108 -23.85 -4.45 2.50
N SER A 109 -24.89 -4.74 3.30
CA SER A 109 -26.03 -3.83 3.49
C SER A 109 -25.97 -3.19 4.87
N TRP A 110 -26.28 -1.90 4.93
CA TRP A 110 -26.06 -1.12 6.14
C TRP A 110 -27.30 -0.33 6.54
N THR A 111 -27.47 -0.16 7.85
CA THR A 111 -28.59 0.58 8.40
C THR A 111 -28.10 1.73 9.25
N THR A 112 -28.46 2.95 8.86
CA THR A 112 -28.05 4.13 9.60
C THR A 112 -28.80 4.24 10.91
N ILE A 113 -28.05 4.40 11.99
CA ILE A 113 -28.63 4.62 13.30
C ILE A 113 -28.81 6.13 13.48
N LYS A 114 -27.79 6.89 13.12
CA LYS A 114 -27.73 8.31 13.41
C LYS A 114 -26.68 8.98 12.52
N GLU A 115 -26.99 10.18 12.04
CA GLU A 115 -26.02 11.01 11.33
C GLU A 115 -25.48 12.10 12.23
N TYR A 116 -24.37 12.71 11.84
CA TYR A 116 -23.72 13.76 12.62
C TYR A 116 -23.17 14.80 11.68
N ASP A 117 -23.27 16.06 12.09
CA ASP A 117 -22.58 17.14 11.40
C ASP A 117 -21.86 17.93 12.50
N LYS A 118 -20.54 17.85 12.52
CA LYS A 118 -19.73 18.60 13.47
C LYS A 118 -18.73 19.49 12.74
N THR A 119 -19.17 20.08 11.64
CA THR A 119 -18.36 20.99 10.86
C THR A 119 -17.91 22.18 11.73
N GLY A 120 -16.62 22.47 11.68
CA GLY A 120 -16.09 23.63 12.39
C GLY A 120 -15.91 23.46 13.89
N ALA A 121 -16.27 22.30 14.44
CA ALA A 121 -16.13 22.02 15.88
C ALA A 121 -14.64 22.10 16.25
N PRO A 122 -14.33 22.25 17.56
CA PRO A 122 -12.90 22.33 17.91
C PRO A 122 -12.10 21.07 17.61
N ALA A 123 -10.85 21.27 17.19
CA ALA A 123 -9.88 20.19 17.07
C ALA A 123 -9.78 19.44 18.40
N GLY A 124 -9.34 18.19 18.34
CA GLY A 124 -9.10 17.37 19.54
C GLY A 124 -9.98 16.14 19.59
N LYS A 125 -9.86 15.39 20.68
CA LYS A 125 -10.63 14.18 20.91
C LYS A 125 -12.11 14.51 21.02
N ASP A 126 -12.96 13.61 20.52
CA ASP A 126 -14.41 13.78 20.62
C ASP A 126 -15.03 12.41 20.81
N VAL A 127 -15.69 12.25 21.94
CA VAL A 127 -16.25 11.00 22.38
C VAL A 127 -17.69 10.87 21.86
N ILE A 128 -17.86 10.09 20.79
CA ILE A 128 -19.19 9.71 20.31
C ILE A 128 -19.68 8.53 21.15
N GLU A 129 -20.64 8.79 22.02
CA GLU A 129 -21.16 7.77 22.93
C GLU A 129 -22.66 7.69 22.79
N GLU A 130 -23.15 6.50 22.43
CA GLU A 130 -24.57 6.27 22.18
C GLU A 130 -25.05 5.08 23.00
N SER A 131 -26.23 5.24 23.58
CA SER A 131 -26.94 4.16 24.26
C SER A 131 -28.16 3.88 23.41
N PHE A 132 -28.46 2.60 23.22
CA PHE A 132 -29.56 2.17 22.37
C PHE A 132 -30.72 1.82 23.28
N GLU A 133 -31.80 2.59 23.19
CA GLU A 133 -33.02 2.34 23.97
C GLU A 133 -33.43 0.90 23.78
N THR A 134 -33.80 0.55 22.54
CA THR A 134 -34.00 -0.84 22.13
C THR A 134 -32.66 -1.39 21.63
N PRO A 135 -32.17 -2.48 22.26
CA PRO A 135 -30.96 -3.15 21.79
C PRO A 135 -30.99 -3.45 20.28
N ILE A 136 -29.82 -3.37 19.64
CA ILE A 136 -29.73 -3.53 18.20
C ILE A 136 -28.90 -4.76 17.84
N SER A 137 -29.45 -5.58 16.95
CA SER A 137 -28.82 -6.83 16.53
C SER A 137 -27.88 -6.59 15.35
N ALA A 138 -26.57 -6.77 15.56
CA ALA A 138 -25.55 -6.42 14.56
C ALA A 138 -24.34 -7.35 14.59
N LYS A 139 -23.67 -7.48 13.44
CA LYS A 139 -22.37 -8.14 13.36
C LYS A 139 -21.22 -7.16 13.11
N TYR A 140 -21.52 -6.06 12.40
CA TYR A 140 -20.54 -5.02 12.12
C TYR A 140 -21.16 -3.69 12.50
N ILE A 141 -20.40 -2.86 13.22
CA ILE A 141 -20.86 -1.52 13.55
C ILE A 141 -19.71 -0.52 13.34
N ARG A 142 -19.97 0.52 12.54
CA ARG A 142 -18.91 1.45 12.17
C ARG A 142 -19.37 2.91 12.02
N LEU A 143 -18.38 3.81 11.96
CA LEU A 143 -18.62 5.21 11.60
C LEU A 143 -18.20 5.41 10.16
N THR A 144 -19.03 6.09 9.39
CA THR A 144 -18.79 6.29 7.96
C THR A 144 -18.88 7.76 7.58
N ASN A 145 -17.91 8.22 6.79
CA ASN A 145 -17.90 9.60 6.28
C ASN A 145 -19.07 9.86 5.32
N MET A 146 -19.69 11.02 5.42
CA MET A 146 -20.80 11.38 4.52
C MET A 146 -20.49 12.62 3.67
N GLU A 147 -19.27 13.13 3.73
CA GLU A 147 -18.91 14.28 2.91
C GLU A 147 -17.41 14.28 2.66
N ASN A 148 -17.00 14.52 1.42
CA ASN A 148 -15.58 14.57 1.11
C ASN A 148 -14.92 15.57 2.06
N ILE A 149 -13.73 15.26 2.55
CA ILE A 149 -12.94 16.22 3.33
C ILE A 149 -11.48 16.12 2.92
N ASN A 150 -10.85 17.27 2.66
CA ASN A 150 -9.45 17.34 2.25
C ASN A 150 -8.59 17.28 3.51
N LYS A 151 -8.69 16.13 4.21
CA LYS A 151 -7.89 15.87 5.40
C LYS A 151 -7.48 14.42 5.54
N TRP A 152 -6.35 14.19 6.23
CA TRP A 152 -6.03 12.90 6.84
C TRP A 152 -6.97 12.71 8.03
N LEU A 153 -6.81 11.63 8.79
CA LEU A 153 -7.76 11.27 9.86
C LEU A 153 -7.11 10.71 11.11
N THR A 154 -7.49 11.25 12.26
CA THR A 154 -7.09 10.69 13.55
C THR A 154 -8.25 10.04 14.29
N PHE A 155 -7.94 9.00 15.05
CA PHE A 155 -8.90 8.32 15.93
C PHE A 155 -8.16 7.86 17.17
N SER A 156 -8.92 7.46 18.20
CA SER A 156 -8.34 7.12 19.49
C SER A 156 -8.87 5.85 20.13
N GLU A 157 -10.15 5.52 19.92
CA GLU A 157 -10.76 4.37 20.58
C GLU A 157 -12.10 3.98 19.98
N PHE A 158 -12.39 2.66 19.99
CA PHE A 158 -13.67 2.09 19.53
C PHE A 158 -14.09 0.96 20.45
N ALA A 159 -15.29 1.05 21.00
CA ALA A 159 -15.78 0.09 21.98
C ALA A 159 -17.28 -0.11 21.83
N ILE A 160 -17.76 -1.26 22.26
CA ILE A 160 -19.19 -1.53 22.32
C ILE A 160 -19.63 -1.79 23.75
N VAL A 161 -20.95 -1.71 23.94
CA VAL A 161 -21.59 -2.02 25.20
C VAL A 161 -22.69 -3.04 24.95
N SER A 162 -22.66 -4.14 25.71
CA SER A 162 -23.74 -5.14 25.73
C SER A 162 -24.20 -5.39 27.15
N MET B 21 17.34 -0.99 -20.69
CA MET B 21 16.18 -0.05 -20.86
C MET B 21 14.95 -0.39 -19.99
N ALA B 22 14.79 -1.68 -19.68
CA ALA B 22 13.57 -2.21 -19.08
C ALA B 22 13.28 -1.65 -17.70
N SER B 23 12.00 -1.32 -17.47
CA SER B 23 11.58 -0.76 -16.18
C SER B 23 10.66 -1.75 -15.45
N ASN B 24 10.31 -1.41 -14.21
CA ASN B 24 9.27 -2.11 -13.48
C ASN B 24 7.93 -1.95 -14.20
N PRO B 25 7.03 -2.93 -14.03
CA PRO B 25 5.68 -2.76 -14.57
C PRO B 25 4.79 -1.96 -13.62
N SER B 26 3.67 -1.46 -14.13
CA SER B 26 2.75 -0.62 -13.36
C SER B 26 1.28 -0.82 -13.81
N LEU B 27 0.36 -0.59 -12.87
CA LEU B 27 -1.06 -0.40 -13.16
C LEU B 27 -1.28 1.04 -13.55
N ILE B 28 -1.80 1.26 -14.75
CA ILE B 28 -2.07 2.57 -15.32
C ILE B 28 -3.59 2.65 -15.52
N ARG B 29 -4.20 3.71 -15.01
CA ARG B 29 -5.64 3.92 -15.14
C ARG B 29 -5.91 5.44 -15.17
N SER B 30 -7.16 5.80 -15.46
CA SER B 30 -7.57 7.18 -15.65
C SER B 30 -7.32 7.98 -14.41
N GLU B 31 -6.75 9.17 -14.61
CA GLU B 31 -6.29 10.08 -13.55
C GLU B 31 -7.35 10.48 -12.57
N SER B 32 -8.54 10.80 -13.06
CA SER B 32 -9.55 11.43 -12.22
C SER B 32 -10.31 10.45 -11.32
N TRP B 33 -10.21 9.15 -11.58
CA TRP B 33 -10.87 8.15 -10.73
C TRP B 33 -10.35 8.25 -9.30
N GLN B 34 -11.23 8.04 -8.35
CA GLN B 34 -10.89 8.03 -6.94
C GLN B 34 -11.17 6.66 -6.36
N VAL B 35 -10.25 6.20 -5.52
CA VAL B 35 -10.37 4.90 -4.85
C VAL B 35 -11.39 5.00 -3.72
N TYR B 36 -12.53 4.32 -3.85
CA TYR B 36 -13.62 4.40 -2.89
C TYR B 36 -13.66 3.24 -1.92
N GLU B 37 -13.32 2.05 -2.42
CA GLU B 37 -13.30 0.84 -1.62
C GLU B 37 -12.15 -0.04 -2.09
N GLY B 38 -11.50 -0.68 -1.15
CA GLY B 38 -10.33 -1.50 -1.46
C GLY B 38 -9.08 -0.70 -1.66
N ASN B 39 -8.09 -1.35 -2.26
CA ASN B 39 -6.78 -0.78 -2.59
C ASN B 39 -6.47 -1.18 -4.02
N GLU B 40 -5.81 -0.31 -4.75
CA GLU B 40 -5.41 -0.63 -6.11
C GLU B 40 -4.49 -1.87 -6.19
N ALA B 41 -3.73 -2.13 -5.12
CA ALA B 41 -2.91 -3.34 -5.01
C ALA B 41 -3.72 -4.65 -5.08
N ASN B 42 -4.99 -4.60 -4.69
CA ASN B 42 -5.91 -5.74 -4.86
C ASN B 42 -6.11 -6.19 -6.30
N LEU B 43 -5.60 -5.43 -7.25
CA LEU B 43 -5.77 -5.78 -8.67
C LEU B 43 -4.61 -6.61 -9.19
N LEU B 44 -3.61 -6.84 -8.33
CA LEU B 44 -2.40 -7.56 -8.72
C LEU B 44 -2.02 -8.64 -7.72
N ASP B 45 -2.96 -9.02 -6.84
CA ASP B 45 -2.70 -10.03 -5.79
C ASP B 45 -2.98 -11.47 -6.21
N GLY B 46 -3.36 -11.69 -7.47
CA GLY B 46 -3.69 -13.03 -7.97
C GLY B 46 -5.06 -13.58 -7.59
N ASP B 47 -5.81 -12.84 -6.76
CA ASP B 47 -7.10 -13.28 -6.23
C ASP B 47 -8.28 -12.56 -6.91
N ASP B 48 -9.09 -13.31 -7.67
CA ASP B 48 -10.33 -12.80 -8.28
C ASP B 48 -11.31 -12.16 -7.30
N ASN B 49 -11.24 -12.59 -6.05
CA ASN B 49 -12.22 -12.21 -5.06
C ASN B 49 -11.80 -11.04 -4.20
N THR B 50 -10.69 -10.39 -4.58
CA THR B 50 -10.31 -9.09 -4.04
C THR B 50 -10.30 -8.08 -5.18
N GLY B 51 -10.82 -6.89 -4.94
CA GLY B 51 -10.88 -5.84 -5.97
C GLY B 51 -10.85 -4.43 -5.44
N VAL B 52 -11.15 -3.47 -6.32
CA VAL B 52 -11.23 -2.05 -5.94
C VAL B 52 -12.49 -1.44 -6.57
N TRP B 53 -13.08 -0.48 -5.85
CA TRP B 53 -14.24 0.27 -6.33
C TRP B 53 -13.73 1.68 -6.57
N TYR B 54 -13.77 2.11 -7.82
CA TYR B 54 -13.41 3.48 -8.16
C TYR B 54 -14.67 4.33 -8.26
N LYS B 55 -14.69 5.47 -7.55
CA LYS B 55 -15.68 6.51 -7.78
C LYS B 55 -15.29 7.25 -9.04
N THR B 56 -16.23 7.43 -9.95
CA THR B 56 -15.99 8.24 -11.14
C THR B 56 -16.61 9.62 -10.94
N LEU B 57 -15.97 10.63 -11.53
CA LEU B 57 -16.39 12.01 -11.39
C LEU B 57 -17.32 12.33 -12.58
N ASN B 58 -17.28 13.55 -13.10
CA ASN B 58 -18.17 13.97 -14.19
C ASN B 58 -19.62 13.57 -13.90
N GLY B 59 -20.06 13.88 -12.68
CA GLY B 59 -21.45 13.58 -12.29
C GLY B 59 -21.75 12.09 -12.29
N ASP B 60 -20.87 11.29 -11.67
CA ASP B 60 -21.01 9.83 -11.62
C ASP B 60 -21.08 9.19 -13.01
N THR B 61 -20.20 9.64 -13.89
CA THR B 61 -20.11 9.14 -15.26
C THR B 61 -18.69 8.74 -15.61
N SER B 62 -18.51 7.55 -16.18
CA SER B 62 -17.28 7.20 -16.87
C SER B 62 -17.46 7.52 -18.33
N LEU B 63 -16.67 8.48 -18.81
CA LEU B 63 -16.68 8.88 -20.19
C LEU B 63 -15.90 7.90 -21.04
N ALA B 64 -16.27 7.83 -22.33
CA ALA B 64 -15.50 7.04 -23.26
C ALA B 64 -14.07 7.58 -23.25
N GLY B 65 -13.12 6.68 -23.44
CA GLY B 65 -11.70 7.06 -23.44
C GLY B 65 -11.02 6.81 -22.12
N GLU B 66 -11.80 6.67 -21.04
CA GLU B 66 -11.27 6.22 -19.76
C GLU B 66 -10.80 4.76 -19.84
N PHE B 67 -9.82 4.40 -19.03
CA PHE B 67 -9.06 3.18 -19.24
C PHE B 67 -8.47 2.62 -17.96
N ILE B 68 -8.20 1.32 -17.99
CA ILE B 68 -7.41 0.65 -16.97
C ILE B 68 -6.63 -0.47 -17.63
N GLY B 69 -5.39 -0.66 -17.18
CA GLY B 69 -4.53 -1.64 -17.79
C GLY B 69 -3.12 -1.60 -17.22
N LEU B 70 -2.16 -2.07 -18.01
CA LEU B 70 -0.79 -2.34 -17.51
C LEU B 70 0.29 -1.68 -18.38
N ASP B 71 1.28 -1.08 -17.72
CA ASP B 71 2.57 -0.76 -18.33
C ASP B 71 3.42 -1.96 -17.99
N LEU B 72 3.81 -2.73 -19.01
CA LEU B 72 4.57 -3.94 -18.81
C LEU B 72 6.08 -3.67 -18.50
N GLY B 73 6.53 -2.44 -18.70
CA GLY B 73 7.93 -2.03 -18.42
C GLY B 73 8.91 -2.25 -19.58
N LYS B 74 8.50 -3.07 -20.55
CA LYS B 74 9.28 -3.42 -21.73
C LYS B 74 8.35 -4.04 -22.77
N GLU B 75 8.85 -4.20 -24.00
CA GLU B 75 8.10 -4.93 -25.03
C GLU B 75 8.12 -6.42 -24.74
N ILE B 76 6.93 -7.01 -24.68
CA ILE B 76 6.75 -8.43 -24.36
C ILE B 76 5.94 -9.08 -25.47
N LYS B 77 6.31 -10.31 -25.83
CA LYS B 77 5.50 -11.18 -26.67
C LYS B 77 4.39 -11.78 -25.80
N LEU B 78 3.16 -11.27 -25.99
CA LEU B 78 2.01 -11.73 -25.23
C LEU B 78 1.32 -12.91 -25.90
N ASP B 79 0.98 -13.92 -25.10
CA ASP B 79 0.17 -15.04 -25.57
C ASP B 79 -1.30 -14.92 -25.16
N GLY B 80 -1.57 -14.04 -24.21
CA GLY B 80 -2.93 -13.78 -23.79
C GLY B 80 -2.98 -12.77 -22.67
N ILE B 81 -4.20 -12.50 -22.22
CA ILE B 81 -4.47 -11.70 -21.03
C ILE B 81 -5.60 -12.33 -20.25
N ARG B 82 -5.68 -11.96 -18.98
CA ARG B 82 -6.79 -12.32 -18.13
C ARG B 82 -7.03 -11.14 -17.21
N PHE B 83 -8.07 -10.37 -17.56
CA PHE B 83 -8.48 -9.19 -16.82
C PHE B 83 -9.86 -9.48 -16.25
N VAL B 84 -10.02 -9.33 -14.94
CA VAL B 84 -11.29 -9.53 -14.26
C VAL B 84 -11.96 -8.18 -13.89
N ILE B 85 -13.05 -7.86 -14.58
CA ILE B 85 -13.79 -6.63 -14.37
C ILE B 85 -14.92 -6.95 -13.41
N GLY B 86 -15.48 -5.90 -12.81
CA GLY B 86 -16.48 -6.09 -11.77
C GLY B 86 -15.82 -6.64 -10.53
N LYS B 87 -16.64 -6.81 -9.51
CA LYS B 87 -16.31 -7.55 -8.30
C LYS B 87 -17.65 -8.02 -7.78
N ASN B 88 -17.66 -8.83 -6.74
CA ASN B 88 -18.95 -9.25 -6.19
C ASN B 88 -19.31 -8.39 -5.00
N GLY B 89 -20.60 -8.39 -4.70
CA GLY B 89 -21.14 -7.56 -3.64
C GLY B 89 -21.35 -6.16 -4.14
N GLY B 90 -20.92 -5.19 -3.33
CA GLY B 90 -21.06 -3.77 -3.69
C GLY B 90 -20.44 -3.47 -5.04
N GLY B 91 -21.20 -2.75 -5.88
CA GLY B 91 -20.72 -2.35 -7.20
C GLY B 91 -20.52 -3.47 -8.20
N SER B 92 -21.22 -4.59 -8.00
CA SER B 92 -21.12 -5.71 -8.94
C SER B 92 -21.69 -5.39 -10.33
N SER B 93 -22.51 -4.34 -10.44
CA SER B 93 -23.00 -3.87 -11.76
C SER B 93 -22.19 -2.71 -12.34
N ASP B 94 -21.16 -2.28 -11.63
CA ASP B 94 -20.39 -1.08 -12.02
C ASP B 94 -19.33 -1.42 -13.02
N LYS B 95 -19.78 -1.67 -14.23
CA LYS B 95 -18.95 -2.12 -15.34
C LYS B 95 -19.35 -1.37 -16.58
N TRP B 96 -18.39 -1.15 -17.48
CA TRP B 96 -18.67 -0.57 -18.79
C TRP B 96 -19.63 -1.45 -19.60
N ASN B 97 -20.52 -0.81 -20.35
CA ASN B 97 -21.34 -1.51 -21.35
C ASN B 97 -20.53 -1.88 -22.59
N LYS B 98 -19.83 -0.91 -23.12
CA LYS B 98 -19.08 -1.07 -24.34
C LYS B 98 -17.61 -0.69 -24.09
N PHE B 99 -16.69 -1.55 -24.51
CA PHE B 99 -15.26 -1.30 -24.28
C PHE B 99 -14.39 -2.02 -25.27
N LYS B 100 -13.09 -1.75 -25.26
CA LYS B 100 -12.15 -2.40 -26.16
C LYS B 100 -10.87 -2.76 -25.44
N LEU B 101 -10.25 -3.84 -25.92
CA LEU B 101 -8.96 -4.28 -25.45
C LEU B 101 -7.99 -3.83 -26.51
N GLU B 102 -7.02 -3.03 -26.12
CA GLU B 102 -6.10 -2.44 -27.08
C GLU B 102 -4.70 -2.47 -26.50
N TYR B 103 -3.71 -2.39 -27.39
CA TYR B 103 -2.31 -2.42 -26.95
C TYR B 103 -1.46 -1.37 -27.68
N SER B 104 -0.26 -1.15 -27.17
CA SER B 104 0.64 -0.15 -27.74
C SER B 104 2.07 -0.57 -27.47
N LEU B 105 2.96 -0.03 -28.30
CA LEU B 105 4.40 -0.24 -28.15
C LEU B 105 5.03 1.05 -27.60
N ASP B 106 4.44 2.20 -27.91
CA ASP B 106 5.02 3.53 -27.64
C ASP B 106 4.16 4.47 -26.78
N ASN B 107 3.04 3.97 -26.25
CA ASN B 107 2.09 4.77 -25.47
C ASN B 107 1.52 5.99 -26.22
N GLU B 108 1.52 5.90 -27.55
CA GLU B 108 1.09 7.00 -28.43
C GLU B 108 0.08 6.46 -29.40
N SER B 109 0.48 5.45 -30.19
CA SER B 109 -0.42 4.76 -31.08
C SER B 109 -0.92 3.47 -30.46
N TRP B 110 -2.23 3.27 -30.51
CA TRP B 110 -2.87 2.08 -29.94
C TRP B 110 -3.56 1.28 -31.03
N THR B 111 -3.59 -0.03 -30.83
CA THR B 111 -4.19 -0.96 -31.79
C THR B 111 -5.26 -1.79 -31.05
N THR B 112 -6.49 -1.75 -31.54
CA THR B 112 -7.56 -2.58 -30.96
C THR B 112 -7.39 -4.07 -31.29
N ILE B 113 -7.37 -4.89 -30.25
CA ILE B 113 -7.38 -6.34 -30.37
C ILE B 113 -8.83 -6.84 -30.55
N LYS B 114 -9.76 -6.26 -29.80
CA LYS B 114 -11.14 -6.75 -29.76
C LYS B 114 -12.01 -5.72 -29.06
N GLU B 115 -13.26 -5.61 -29.50
CA GLU B 115 -14.26 -4.77 -28.87
C GLU B 115 -15.28 -5.65 -28.15
N TYR B 116 -15.99 -5.08 -27.17
CA TYR B 116 -16.99 -5.81 -26.40
C TYR B 116 -18.24 -4.94 -26.17
N ASP B 117 -19.42 -5.56 -26.25
CA ASP B 117 -20.65 -4.96 -25.78
C ASP B 117 -21.21 -5.93 -24.74
N LYS B 118 -21.10 -5.55 -23.46
CA LYS B 118 -21.59 -6.36 -22.35
C LYS B 118 -22.78 -5.69 -21.64
N THR B 119 -23.52 -4.87 -22.38
CA THR B 119 -24.69 -4.20 -21.82
C THR B 119 -25.60 -5.16 -21.05
N GLY B 120 -25.75 -6.38 -21.58
CA GLY B 120 -26.65 -7.40 -21.01
C GLY B 120 -25.98 -8.47 -20.18
N ALA B 121 -24.70 -8.28 -19.85
CA ALA B 121 -23.98 -9.23 -19.02
C ALA B 121 -24.60 -9.23 -17.64
N PRO B 122 -24.61 -10.39 -16.97
CA PRO B 122 -25.05 -10.39 -15.58
C PRO B 122 -24.13 -9.56 -14.66
N ALA B 123 -24.68 -9.12 -13.53
CA ALA B 123 -23.90 -8.44 -12.50
C ALA B 123 -22.82 -9.37 -11.95
N GLY B 124 -21.72 -8.78 -11.51
CA GLY B 124 -20.67 -9.51 -10.82
C GLY B 124 -19.40 -9.58 -11.63
N LYS B 125 -18.42 -10.30 -11.08
CA LYS B 125 -17.15 -10.52 -11.76
C LYS B 125 -17.37 -11.02 -13.18
N ASP B 126 -16.55 -10.52 -14.09
CA ASP B 126 -16.55 -10.97 -15.49
C ASP B 126 -15.08 -11.14 -15.90
N VAL B 127 -14.70 -12.38 -16.14
CA VAL B 127 -13.33 -12.75 -16.49
C VAL B 127 -13.21 -12.64 -18.01
N ILE B 128 -12.49 -11.60 -18.43
CA ILE B 128 -12.15 -11.35 -19.81
C ILE B 128 -10.81 -12.04 -20.05
N GLU B 129 -10.87 -13.22 -20.68
CA GLU B 129 -9.69 -14.05 -20.91
C GLU B 129 -9.54 -14.19 -22.43
N GLU B 130 -8.36 -13.82 -22.95
CA GLU B 130 -8.11 -13.90 -24.39
C GLU B 130 -6.79 -14.64 -24.66
N SER B 131 -6.79 -15.51 -25.67
CA SER B 131 -5.59 -16.17 -26.17
C SER B 131 -5.22 -15.58 -27.53
N PHE B 132 -3.99 -15.10 -27.67
CA PHE B 132 -3.53 -14.54 -28.94
C PHE B 132 -2.82 -15.61 -29.77
N GLU B 133 -3.49 -16.12 -30.80
CA GLU B 133 -2.98 -17.26 -31.54
C GLU B 133 -1.63 -16.91 -32.16
N THR B 134 -1.57 -15.76 -32.85
CA THR B 134 -0.29 -15.08 -33.15
C THR B 134 0.09 -14.18 -31.98
N PRO B 135 1.25 -14.43 -31.34
CA PRO B 135 1.65 -13.58 -30.22
C PRO B 135 1.68 -12.09 -30.58
N ILE B 136 1.31 -11.26 -29.60
CA ILE B 136 1.24 -9.81 -29.77
C ILE B 136 2.38 -9.14 -28.99
N SER B 137 3.22 -8.37 -29.69
CA SER B 137 4.28 -7.60 -29.05
C SER B 137 3.73 -6.28 -28.53
N ALA B 138 3.85 -6.06 -27.23
CA ALA B 138 3.24 -4.92 -26.56
C ALA B 138 4.03 -4.53 -25.31
N LYS B 139 4.13 -3.22 -25.06
CA LYS B 139 4.62 -2.67 -23.79
C LYS B 139 3.49 -2.16 -22.89
N TYR B 140 2.33 -1.87 -23.49
CA TYR B 140 1.14 -1.45 -22.75
C TYR B 140 -0.05 -2.22 -23.30
N ILE B 141 -0.94 -2.64 -22.40
CA ILE B 141 -2.21 -3.27 -22.81
C ILE B 141 -3.28 -2.87 -21.80
N ARG B 142 -4.48 -2.52 -22.29
CA ARG B 142 -5.53 -1.98 -21.43
C ARG B 142 -6.94 -2.16 -22.00
N LEU B 143 -7.93 -1.98 -21.13
CA LEU B 143 -9.34 -1.91 -21.50
C LEU B 143 -9.73 -0.45 -21.47
N THR B 144 -10.45 -0.02 -22.50
CA THR B 144 -10.81 1.38 -22.69
C THR B 144 -12.32 1.49 -22.90
N ASN B 145 -12.98 2.32 -22.10
CA ASN B 145 -14.40 2.54 -22.25
C ASN B 145 -14.70 3.08 -23.65
N MET B 146 -15.77 2.60 -24.27
CA MET B 146 -16.21 3.15 -25.56
C MET B 146 -17.55 3.91 -25.52
N GLU B 147 -18.20 3.96 -24.36
CA GLU B 147 -19.50 4.61 -24.25
C GLU B 147 -19.73 5.24 -22.87
N ASN B 148 -20.10 6.52 -22.87
CA ASN B 148 -20.40 7.25 -21.64
C ASN B 148 -21.46 6.52 -20.86
N ILE B 149 -21.22 6.31 -19.57
CA ILE B 149 -22.08 5.46 -18.77
C ILE B 149 -22.20 6.03 -17.36
N ASN B 150 -23.42 6.14 -16.86
N ASN B 150 -23.45 6.11 -16.90
CA ASN B 150 -23.64 6.69 -15.54
CA ASN B 150 -23.81 6.47 -15.53
C ASN B 150 -23.37 5.63 -14.45
C ASN B 150 -23.41 5.44 -14.51
N LYS B 151 -22.12 5.14 -14.42
CA LYS B 151 -21.66 4.20 -13.40
C LYS B 151 -20.29 4.58 -12.84
N TRP B 152 -20.09 4.27 -11.56
CA TRP B 152 -18.76 4.09 -10.97
C TRP B 152 -18.24 2.77 -11.51
N LEU B 153 -17.06 2.33 -11.06
CA LEU B 153 -16.42 1.17 -11.65
C LEU B 153 -15.72 0.24 -10.65
N THR B 154 -16.01 -1.05 -10.72
CA THR B 154 -15.29 -2.07 -9.95
C THR B 154 -14.42 -2.95 -10.86
N PHE B 155 -13.28 -3.36 -10.31
CA PHE B 155 -12.32 -4.25 -11.00
C PHE B 155 -11.72 -5.22 -9.98
N SER B 156 -11.20 -6.37 -10.43
CA SER B 156 -10.66 -7.36 -9.48
C SER B 156 -9.24 -7.89 -9.77
N GLU B 157 -8.82 -7.93 -11.02
CA GLU B 157 -7.53 -8.55 -11.33
C GLU B 157 -7.10 -8.30 -12.76
N PHE B 158 -5.83 -7.97 -12.94
CA PHE B 158 -5.24 -7.81 -14.25
C PHE B 158 -3.99 -8.68 -14.33
N ALA B 159 -3.96 -9.58 -15.30
CA ALA B 159 -2.82 -10.47 -15.53
C ALA B 159 -2.55 -10.63 -17.02
N ILE B 160 -1.28 -10.88 -17.38
CA ILE B 160 -0.90 -11.32 -18.74
C ILE B 160 -0.40 -12.77 -18.80
N VAL B 161 -0.39 -13.31 -20.01
CA VAL B 161 0.16 -14.63 -20.28
C VAL B 161 1.30 -14.42 -21.26
N SER B 162 2.48 -14.91 -20.89
CA SER B 162 3.64 -14.82 -21.77
C SER B 162 4.57 -16.01 -21.55
N ASP B 163 4.69 -16.85 -22.57
CA ASP B 163 5.64 -17.96 -22.59
C ASP B 163 7.07 -17.41 -22.59
N GLU B 164 7.28 -16.32 -23.32
CA GLU B 164 8.54 -15.58 -23.31
C GLU B 164 9.02 -15.28 -21.90
N LEU B 165 8.15 -14.71 -21.06
CA LEU B 165 8.51 -14.38 -19.67
C LEU B 165 8.63 -15.58 -18.74
N GLU B 166 8.11 -16.73 -19.18
CA GLU B 166 8.19 -17.97 -18.40
C GLU B 166 7.35 -17.87 -17.12
N ASN C 24 2.34 1.70 24.89
CA ASN C 24 2.62 0.27 24.61
C ASN C 24 3.58 0.06 23.44
N PRO C 25 4.14 -1.16 23.31
CA PRO C 25 4.94 -1.49 22.16
C PRO C 25 4.15 -1.30 20.88
N SER C 26 4.83 -0.86 19.83
CA SER C 26 4.19 -0.68 18.54
C SER C 26 4.79 -1.61 17.49
N LEU C 27 3.99 -1.94 16.48
CA LEU C 27 4.39 -2.87 15.45
C LEU C 27 5.39 -2.26 14.44
N ILE C 28 6.48 -2.97 14.21
CA ILE C 28 7.38 -2.72 13.10
C ILE C 28 7.41 -3.95 12.18
N ARG C 29 7.33 -3.70 10.88
CA ARG C 29 7.45 -4.77 9.92
C ARG C 29 7.90 -4.23 8.59
N SER C 30 8.32 -5.14 7.72
CA SER C 30 8.80 -4.80 6.41
C SER C 30 7.69 -4.09 5.63
N GLU C 31 7.98 -2.89 5.15
CA GLU C 31 6.93 -2.01 4.61
C GLU C 31 6.41 -2.41 3.24
N SER C 32 7.17 -3.24 2.50
CA SER C 32 6.71 -3.71 1.19
C SER C 32 5.50 -4.64 1.28
N TRP C 33 5.31 -5.28 2.44
CA TRP C 33 4.23 -6.25 2.61
C TRP C 33 2.90 -5.53 2.43
N GLN C 34 1.92 -6.20 1.83
CA GLN C 34 0.58 -5.67 1.65
C GLN C 34 -0.38 -6.53 2.46
N VAL C 35 -1.18 -5.89 3.32
CA VAL C 35 -2.18 -6.60 4.10
C VAL C 35 -3.25 -7.19 3.17
N TYR C 36 -3.35 -8.52 3.15
CA TYR C 36 -4.28 -9.26 2.30
C TYR C 36 -5.53 -9.70 3.08
N GLU C 37 -5.36 -10.08 4.34
CA GLU C 37 -6.47 -10.44 5.21
C GLU C 37 -6.19 -9.98 6.63
N GLY C 38 -7.21 -9.45 7.28
CA GLY C 38 -7.12 -8.96 8.66
C GLY C 38 -6.81 -7.48 8.77
N ASN C 39 -6.60 -7.03 10.00
CA ASN C 39 -6.14 -5.68 10.32
C ASN C 39 -4.93 -5.82 11.28
N GLU C 40 -3.91 -4.97 11.15
CA GLU C 40 -2.69 -5.11 11.98
C GLU C 40 -2.92 -4.89 13.48
N ALA C 41 -4.12 -4.44 13.83
CA ALA C 41 -4.56 -4.39 15.23
C ALA C 41 -4.61 -5.78 15.82
N ASN C 42 -4.91 -6.77 14.97
CA ASN C 42 -4.97 -8.18 15.38
C ASN C 42 -3.67 -8.72 15.93
N LEU C 43 -2.57 -8.02 15.67
CA LEU C 43 -1.24 -8.55 16.00
C LEU C 43 -0.77 -8.15 17.38
N LEU C 44 -1.48 -7.22 18.01
CA LEU C 44 -1.17 -6.77 19.35
C LEU C 44 -2.43 -6.72 20.21
N ASP C 45 -3.39 -7.59 19.93
CA ASP C 45 -4.67 -7.55 20.67
C ASP C 45 -4.73 -8.59 21.80
N GLY C 46 -3.62 -9.28 22.06
CA GLY C 46 -3.56 -10.30 23.12
C GLY C 46 -4.30 -11.59 22.81
N ASP C 47 -4.64 -11.80 21.53
CA ASP C 47 -5.48 -12.90 21.15
C ASP C 47 -4.74 -13.70 20.08
N ASP C 48 -4.34 -14.92 20.43
CA ASP C 48 -3.61 -15.79 19.51
C ASP C 48 -4.39 -16.15 18.27
N ASN C 49 -5.72 -16.02 18.35
CA ASN C 49 -6.61 -16.49 17.30
C ASN C 49 -7.08 -15.43 16.35
N THR C 50 -6.53 -14.23 16.48
CA THR C 50 -6.61 -13.19 15.48
C THR C 50 -5.23 -12.95 14.84
N GLY C 51 -5.21 -12.78 13.52
CA GLY C 51 -3.95 -12.49 12.85
C GLY C 51 -4.09 -11.79 11.53
N VAL C 52 -2.95 -11.66 10.83
CA VAL C 52 -2.89 -11.04 9.53
C VAL C 52 -2.19 -11.96 8.52
N TRP C 53 -2.70 -11.91 7.29
CA TRP C 53 -2.10 -12.51 6.14
C TRP C 53 -1.56 -11.37 5.24
N TYR C 54 -0.26 -11.41 4.94
CA TYR C 54 0.40 -10.39 4.16
C TYR C 54 0.76 -10.95 2.82
N LYS C 55 0.51 -10.19 1.75
CA LYS C 55 1.07 -10.53 0.46
C LYS C 55 2.50 -10.01 0.44
N THR C 56 3.41 -10.80 -0.10
CA THR C 56 4.77 -10.37 -0.33
C THR C 56 5.00 -10.01 -1.79
N LEU C 57 5.76 -8.95 -2.00
CA LEU C 57 6.13 -8.49 -3.34
C LEU C 57 7.36 -9.25 -3.80
N ASN C 58 8.15 -8.66 -4.71
CA ASN C 58 9.32 -9.33 -5.29
C ASN C 58 8.97 -10.71 -5.83
N GLY C 59 7.82 -10.79 -6.49
CA GLY C 59 7.36 -12.06 -7.04
C GLY C 59 6.99 -13.04 -5.96
N ASP C 60 6.09 -12.63 -5.07
CA ASP C 60 5.61 -13.48 -3.96
C ASP C 60 6.74 -14.14 -3.18
N THR C 61 7.79 -13.36 -2.92
CA THR C 61 8.97 -13.80 -2.20
C THR C 61 9.31 -12.85 -1.06
N SER C 62 9.48 -13.40 0.15
CA SER C 62 10.04 -12.66 1.28
C SER C 62 11.54 -12.75 1.18
N LEU C 63 12.19 -11.61 1.01
CA LEU C 63 13.63 -11.56 0.89
C LEU C 63 14.25 -11.79 2.26
N ALA C 64 15.44 -12.39 2.27
CA ALA C 64 16.27 -12.37 3.46
C ALA C 64 16.37 -10.92 3.88
N GLY C 65 16.28 -10.66 5.19
CA GLY C 65 16.40 -9.31 5.75
C GLY C 65 15.09 -8.65 6.15
N GLU C 66 13.98 -9.17 5.62
CA GLU C 66 12.65 -8.73 6.00
C GLU C 66 12.31 -9.19 7.39
N PHE C 67 11.41 -8.46 8.06
CA PHE C 67 11.23 -8.62 9.51
C PHE C 67 9.84 -8.25 10.03
N ILE C 68 9.59 -8.66 11.27
CA ILE C 68 8.42 -8.21 12.02
C ILE C 68 8.76 -8.27 13.51
N GLY C 69 8.40 -7.22 14.23
CA GLY C 69 8.54 -7.22 15.67
C GLY C 69 7.97 -5.98 16.30
N LEU C 70 8.63 -5.48 17.34
CA LEU C 70 8.09 -4.41 18.17
C LEU C 70 9.07 -3.24 18.36
N ASP C 71 8.55 -2.04 18.23
CA ASP C 71 9.22 -0.84 18.71
C ASP C 71 8.70 -0.60 20.11
N LEU C 72 9.60 -0.65 21.08
CA LEU C 72 9.20 -0.64 22.49
C LEU C 72 9.01 0.76 23.03
N GLY C 73 9.27 1.78 22.22
CA GLY C 73 9.04 3.17 22.62
C GLY C 73 10.29 3.80 23.21
N LYS C 74 10.94 3.05 24.10
CA LYS C 74 12.21 3.44 24.68
C LYS C 74 12.98 2.19 25.06
N GLU C 75 14.24 2.35 25.44
CA GLU C 75 15.02 1.23 25.96
C GLU C 75 14.40 0.77 27.28
N ILE C 76 14.06 -0.51 27.34
CA ILE C 76 13.62 -1.14 28.59
C ILE C 76 14.35 -2.46 28.75
N LYS C 77 14.37 -2.98 29.98
CA LYS C 77 14.95 -4.29 30.25
C LYS C 77 13.90 -5.38 30.01
N LEU C 78 14.20 -6.25 29.03
CA LEU C 78 13.29 -7.35 28.64
C LEU C 78 13.70 -8.66 29.29
N ASP C 79 12.73 -9.35 29.89
CA ASP C 79 12.97 -10.69 30.42
C ASP C 79 12.55 -11.81 29.47
N GLY C 80 11.74 -11.48 28.46
CA GLY C 80 11.35 -12.47 27.46
C GLY C 80 10.46 -11.91 26.37
N ILE C 81 10.20 -12.73 25.36
CA ILE C 81 9.22 -12.41 24.28
C ILE C 81 8.27 -13.58 24.07
N ARG C 82 7.12 -13.28 23.47
CA ARG C 82 6.19 -14.30 23.02
C ARG C 82 5.60 -13.81 21.72
N PHE C 83 6.11 -14.36 20.63
CA PHE C 83 5.71 -13.99 19.27
C PHE C 83 5.05 -15.21 18.67
N VAL C 84 3.83 -15.03 18.18
CA VAL C 84 3.12 -16.13 17.53
C VAL C 84 3.10 -15.86 16.04
N ILE C 85 3.81 -16.71 15.30
CA ILE C 85 3.92 -16.58 13.86
C ILE C 85 2.95 -17.58 13.21
N GLY C 86 2.65 -17.36 11.95
CA GLY C 86 1.65 -18.16 11.27
C GLY C 86 0.27 -17.86 11.82
N LYS C 87 -0.71 -18.53 11.26
CA LYS C 87 -2.06 -18.52 11.80
C LYS C 87 -2.73 -19.82 11.31
N ASN C 88 -3.78 -20.27 11.97
CA ASN C 88 -4.44 -21.51 11.55
C ASN C 88 -5.38 -21.16 10.37
N GLY C 89 -5.62 -22.09 9.48
CA GLY C 89 -6.48 -21.79 8.32
C GLY C 89 -5.68 -21.33 7.11
N GLY C 90 -6.19 -20.33 6.41
CA GLY C 90 -5.54 -19.84 5.18
C GLY C 90 -4.15 -19.29 5.52
N GLY C 91 -3.15 -19.66 4.73
CA GLY C 91 -1.79 -19.16 4.95
C GLY C 91 -1.08 -19.86 6.08
N SER C 92 -1.53 -21.07 6.43
CA SER C 92 -1.01 -21.79 7.59
C SER C 92 0.47 -22.21 7.38
N SER C 93 0.88 -22.39 6.12
CA SER C 93 2.24 -22.75 5.78
C SER C 93 3.08 -21.54 5.33
N ASP C 94 2.51 -20.34 5.44
CA ASP C 94 3.15 -19.13 4.92
C ASP C 94 4.01 -18.54 6.03
N LYS C 95 5.17 -19.16 6.23
CA LYS C 95 6.11 -18.80 7.27
C LYS C 95 7.53 -19.01 6.78
N TRP C 96 8.46 -18.27 7.38
CA TRP C 96 9.87 -18.41 7.08
C TRP C 96 10.41 -19.79 7.40
N ASN C 97 11.34 -20.29 6.59
CA ASN C 97 12.08 -21.50 6.93
C ASN C 97 13.16 -21.21 7.97
N LYS C 98 13.89 -20.10 7.77
CA LYS C 98 15.06 -19.78 8.56
C LYS C 98 14.96 -18.34 8.95
N PHE C 99 15.06 -18.07 10.25
CA PHE C 99 14.94 -16.72 10.75
C PHE C 99 15.64 -16.57 12.08
N LYS C 100 15.74 -15.33 12.55
CA LYS C 100 16.49 -15.05 13.76
C LYS C 100 15.77 -14.02 14.61
N LEU C 101 15.92 -14.15 15.91
CA LEU C 101 15.44 -13.16 16.84
C LEU C 101 16.63 -12.28 17.17
N GLU C 102 16.43 -10.97 17.05
CA GLU C 102 17.50 -10.02 17.19
C GLU C 102 16.96 -8.76 17.82
N TYR C 103 17.85 -8.00 18.47
CA TYR C 103 17.45 -6.79 19.17
C TYR C 103 18.38 -5.61 18.89
N SER C 104 17.88 -4.40 19.18
CA SER C 104 18.62 -3.16 18.94
C SER C 104 18.21 -2.03 19.86
N LEU C 105 19.11 -1.07 19.94
CA LEU C 105 18.87 0.19 20.65
C LEU C 105 18.55 1.33 19.67
N ASP C 106 19.03 1.24 18.43
CA ASP C 106 18.99 2.37 17.49
C ASP C 106 18.35 2.08 16.11
N ASN C 107 17.85 0.86 15.92
CA ASN C 107 17.24 0.44 14.65
C ASN C 107 18.20 0.48 13.46
N GLU C 108 19.51 0.43 13.75
CA GLU C 108 20.54 0.32 12.73
C GLU C 108 21.47 -0.87 12.98
N SER C 109 21.83 -1.09 14.25
CA SER C 109 22.72 -2.19 14.62
C SER C 109 22.01 -3.20 15.51
N TRP C 110 22.19 -4.48 15.21
CA TRP C 110 21.40 -5.55 15.80
C TRP C 110 22.27 -6.63 16.41
N THR C 111 21.79 -7.21 17.50
CA THR C 111 22.44 -8.37 18.11
C THR C 111 21.48 -9.53 18.04
N THR C 112 21.98 -10.67 17.58
CA THR C 112 21.17 -11.84 17.38
C THR C 112 21.13 -12.59 18.69
N ILE C 113 19.94 -12.98 19.12
CA ILE C 113 19.74 -13.80 20.30
C ILE C 113 19.67 -15.28 19.89
N LYS C 114 18.92 -15.57 18.84
CA LYS C 114 18.61 -16.95 18.52
C LYS C 114 18.29 -17.12 17.03
N GLU C 115 18.79 -18.20 16.45
CA GLU C 115 18.50 -18.59 15.08
C GLU C 115 17.57 -19.79 15.06
N TYR C 116 16.62 -19.77 14.14
CA TYR C 116 15.63 -20.83 14.03
C TYR C 116 15.70 -21.43 12.65
N ASP C 117 15.66 -22.76 12.55
CA ASP C 117 15.36 -23.42 11.29
C ASP C 117 14.07 -24.21 11.50
N LYS C 118 13.00 -23.78 10.81
CA LYS C 118 11.66 -24.35 10.94
C LYS C 118 11.15 -24.95 9.62
N THR C 119 12.06 -25.30 8.73
CA THR C 119 11.71 -25.82 7.40
C THR C 119 10.63 -26.92 7.44
N GLY C 120 10.72 -27.82 8.42
CA GLY C 120 9.79 -28.95 8.50
C GLY C 120 8.75 -28.81 9.57
N ALA C 121 8.61 -27.59 10.13
CA ALA C 121 7.68 -27.34 11.22
C ALA C 121 6.22 -27.58 10.76
N PRO C 122 5.36 -28.05 11.68
CA PRO C 122 3.94 -28.11 11.33
C PRO C 122 3.38 -26.75 10.87
N ALA C 123 2.39 -26.79 9.99
CA ALA C 123 1.67 -25.61 9.56
C ALA C 123 0.96 -25.04 10.76
N GLY C 124 0.57 -23.79 10.67
CA GLY C 124 -0.29 -23.16 11.65
C GLY C 124 0.44 -22.21 12.58
N LYS C 125 -0.24 -21.80 13.64
CA LYS C 125 0.32 -20.94 14.63
C LYS C 125 1.54 -21.62 15.17
N ASP C 126 2.58 -20.84 15.45
CA ASP C 126 3.76 -21.34 16.12
C ASP C 126 4.16 -20.30 17.17
N VAL C 127 4.09 -20.68 18.45
CA VAL C 127 4.46 -19.79 19.55
C VAL C 127 5.98 -19.77 19.74
N ILE C 128 6.58 -18.66 19.35
CA ILE C 128 8.02 -18.44 19.56
C ILE C 128 8.08 -17.65 20.86
N GLU C 129 8.34 -18.39 21.94
CA GLU C 129 8.37 -17.88 23.28
C GLU C 129 9.76 -18.14 23.87
N GLU C 130 10.45 -17.09 24.27
CA GLU C 130 11.82 -17.16 24.79
C GLU C 130 11.91 -16.41 26.12
N SER C 131 12.63 -17.00 27.08
CA SER C 131 13.04 -16.33 28.31
C SER C 131 14.53 -15.98 28.31
N PHE C 132 14.84 -14.76 28.72
CA PHE C 132 16.22 -14.28 28.76
C PHE C 132 16.75 -14.34 30.19
N GLU C 133 17.72 -15.23 30.41
CA GLU C 133 18.41 -15.37 31.70
C GLU C 133 18.68 -14.00 32.33
N THR C 134 19.51 -13.21 31.65
CA THR C 134 19.77 -11.85 32.07
C THR C 134 18.90 -10.90 31.24
N PRO C 135 18.25 -9.93 31.91
CA PRO C 135 17.47 -8.93 31.19
C PRO C 135 18.25 -8.27 30.03
N ILE C 136 17.62 -8.21 28.86
CA ILE C 136 18.21 -7.59 27.69
C ILE C 136 17.66 -6.17 27.56
N SER C 137 18.56 -5.20 27.39
CA SER C 137 18.18 -3.80 27.22
C SER C 137 17.95 -3.57 25.74
N ALA C 138 16.70 -3.33 25.38
CA ALA C 138 16.35 -3.16 23.97
C ALA C 138 15.25 -2.12 23.84
N LYS C 139 15.30 -1.37 22.74
CA LYS C 139 14.21 -0.53 22.31
C LYS C 139 13.46 -1.18 21.15
N TYR C 140 14.12 -2.05 20.39
CA TYR C 140 13.48 -2.81 19.31
C TYR C 140 13.87 -4.28 19.42
N ILE C 141 12.89 -5.17 19.21
CA ILE C 141 13.16 -6.60 19.15
C ILE C 141 12.26 -7.27 18.10
N ARG C 142 12.85 -8.12 17.24
CA ARG C 142 12.11 -8.62 16.09
C ARG C 142 12.63 -9.95 15.57
N LEU C 143 11.83 -10.56 14.71
CA LEU C 143 12.20 -11.74 13.96
C LEU C 143 12.54 -11.36 12.54
N THR C 144 13.65 -11.90 12.03
CA THR C 144 14.17 -11.51 10.74
C THR C 144 14.48 -12.72 9.88
N ASN C 145 13.99 -12.68 8.63
CA ASN C 145 14.20 -13.74 7.66
C ASN C 145 15.67 -13.81 7.31
N MET C 146 16.17 -15.04 7.16
CA MET C 146 17.59 -15.27 6.81
C MET C 146 17.79 -15.81 5.40
N GLU C 147 16.71 -16.11 4.71
CA GLU C 147 16.81 -16.78 3.42
C GLU C 147 15.58 -16.45 2.60
N ASN C 148 15.75 -16.09 1.33
CA ASN C 148 14.59 -15.86 0.46
C ASN C 148 13.62 -17.03 0.51
N ILE C 149 12.31 -16.74 0.51
CA ILE C 149 11.32 -17.80 0.45
C ILE C 149 10.11 -17.33 -0.39
N ASN C 150 9.69 -18.14 -1.35
CA ASN C 150 8.56 -17.86 -2.25
C ASN C 150 7.23 -18.15 -1.55
N LYS C 151 6.96 -17.40 -0.49
CA LYS C 151 5.71 -17.50 0.24
C LYS C 151 5.26 -16.10 0.64
N TRP C 152 3.95 -15.93 0.79
CA TRP C 152 3.34 -14.84 1.53
C TRP C 152 3.59 -15.14 2.99
N LEU C 153 3.08 -14.31 3.89
CA LEU C 153 3.35 -14.47 5.32
C LEU C 153 2.14 -14.22 6.23
N THR C 154 1.90 -15.14 7.16
CA THR C 154 0.90 -14.97 8.23
C THR C 154 1.56 -14.83 9.59
N PHE C 155 1.00 -13.94 10.40
CA PHE C 155 1.38 -13.77 11.80
C PHE C 155 0.15 -13.54 12.65
N SER C 156 0.28 -13.74 13.96
CA SER C 156 -0.84 -13.69 14.89
C SER C 156 -0.69 -12.80 16.12
N GLU C 157 0.50 -12.69 16.71
CA GLU C 157 0.63 -11.96 17.99
C GLU C 157 2.09 -11.67 18.37
N PHE C 158 2.34 -10.50 18.96
CA PHE C 158 3.67 -10.10 19.43
C PHE C 158 3.59 -9.43 20.80
N ALA C 159 4.26 -10.04 21.79
CA ALA C 159 4.27 -9.56 23.16
C ALA C 159 5.67 -9.70 23.78
N ILE C 160 5.95 -8.86 24.78
CA ILE C 160 7.17 -8.93 25.57
C ILE C 160 6.87 -9.24 27.03
N VAL C 161 7.90 -9.69 27.74
CA VAL C 161 7.88 -9.90 29.19
C VAL C 161 8.96 -9.01 29.79
N SER C 162 8.54 -8.09 30.67
CA SER C 162 9.45 -7.11 31.27
C SER C 162 9.02 -6.72 32.68
N ASP C 163 9.85 -7.03 33.68
CA ASP C 163 9.61 -6.59 35.08
C ASP C 163 9.54 -5.06 35.18
N GLU C 164 10.45 -4.38 34.49
CA GLU C 164 10.52 -2.92 34.50
C GLU C 164 9.18 -2.27 34.20
N ALA D 22 -5.76 11.45 -19.47
CA ALA D 22 -4.53 11.36 -18.62
C ALA D 22 -4.61 10.16 -17.69
N SER D 23 -3.43 9.68 -17.28
CA SER D 23 -3.33 8.58 -16.32
C SER D 23 -2.76 9.07 -14.99
N ASN D 24 -2.92 8.25 -13.95
CA ASN D 24 -2.21 8.43 -12.70
C ASN D 24 -0.69 8.50 -12.94
N PRO D 25 0.05 9.23 -12.08
CA PRO D 25 1.53 9.18 -12.14
C PRO D 25 2.10 7.83 -11.68
N SER D 26 3.32 7.52 -12.09
CA SER D 26 3.98 6.29 -11.64
C SER D 26 5.49 6.48 -11.44
N LEU D 27 6.01 5.76 -10.44
CA LEU D 27 7.43 5.64 -10.21
C LEU D 27 7.95 4.55 -11.15
N ILE D 28 8.91 4.93 -12.00
CA ILE D 28 9.45 4.07 -13.02
C ILE D 28 10.95 3.93 -12.72
N ARG D 29 11.40 2.72 -12.47
CA ARG D 29 12.82 2.43 -12.16
C ARG D 29 13.33 1.16 -12.87
N SER D 30 14.64 0.89 -12.80
CA SER D 30 15.25 -0.27 -13.46
C SER D 30 14.57 -1.57 -13.02
N GLU D 31 14.28 -2.44 -14.00
CA GLU D 31 13.41 -3.62 -13.78
C GLU D 31 13.97 -4.60 -12.77
N SER D 32 15.27 -4.88 -12.89
CA SER D 32 15.93 -5.91 -12.08
C SER D 32 16.09 -5.58 -10.58
N TRP D 33 15.96 -4.32 -10.17
CA TRP D 33 16.10 -3.98 -8.72
C TRP D 33 15.03 -4.69 -7.90
N GLN D 34 15.37 -5.09 -6.66
CA GLN D 34 14.42 -5.76 -5.74
C GLN D 34 14.19 -4.86 -4.52
N VAL D 35 12.96 -4.81 -4.01
CA VAL D 35 12.65 -3.96 -2.86
C VAL D 35 13.03 -4.66 -1.55
N TYR D 36 14.08 -4.14 -0.89
CA TYR D 36 14.69 -4.76 0.29
C TYR D 36 14.20 -4.14 1.61
N GLU D 37 14.04 -2.82 1.61
CA GLU D 37 13.50 -2.13 2.76
C GLU D 37 12.59 -1.02 2.29
N GLY D 38 11.63 -0.65 3.14
CA GLY D 38 10.66 0.38 2.82
C GLY D 38 9.76 -0.09 1.70
N ASN D 39 9.19 0.86 0.96
CA ASN D 39 8.44 0.50 -0.24
C ASN D 39 8.42 1.63 -1.28
N GLU D 40 8.02 1.30 -2.50
CA GLU D 40 8.12 2.24 -3.62
C GLU D 40 7.08 3.37 -3.52
N ALA D 41 6.04 3.14 -2.72
CA ALA D 41 5.02 4.18 -2.45
C ALA D 41 5.58 5.30 -1.58
N ASN D 42 6.58 4.98 -0.77
CA ASN D 42 7.29 5.98 0.05
C ASN D 42 8.03 7.05 -0.77
N LEU D 43 8.23 6.80 -2.05
CA LEU D 43 8.91 7.73 -2.93
C LEU D 43 7.99 8.81 -3.53
N LEU D 44 6.68 8.67 -3.32
CA LEU D 44 5.70 9.62 -3.84
C LEU D 44 4.79 10.19 -2.74
N ASP D 45 5.24 10.18 -1.48
CA ASP D 45 4.37 10.55 -0.35
C ASP D 45 4.58 11.94 0.24
N GLY D 46 5.56 12.68 -0.28
CA GLY D 46 5.87 14.02 0.19
C GLY D 46 6.56 14.08 1.54
N ASP D 47 7.13 12.96 1.98
CA ASP D 47 7.84 12.87 3.23
C ASP D 47 9.29 12.42 3.00
N ASP D 48 10.24 13.31 3.30
CA ASP D 48 11.67 13.02 3.15
C ASP D 48 12.14 11.83 3.98
N ASN D 49 11.45 11.57 5.10
CA ASN D 49 11.85 10.56 6.08
C ASN D 49 11.22 9.19 5.87
N THR D 50 10.59 9.01 4.71
CA THR D 50 10.14 7.71 4.28
C THR D 50 10.87 7.41 2.96
N GLY D 51 11.27 6.16 2.76
CA GLY D 51 12.08 5.85 1.58
C GLY D 51 12.07 4.40 1.22
N VAL D 52 13.06 4.00 0.44
CA VAL D 52 13.14 2.65 -0.04
C VAL D 52 14.58 2.28 -0.21
N TRP D 53 14.85 0.99 -0.06
CA TRP D 53 16.17 0.45 -0.26
C TRP D 53 16.08 -0.66 -1.29
N TYR D 54 16.76 -0.44 -2.41
CA TYR D 54 16.77 -1.42 -3.50
C TYR D 54 18.01 -2.29 -3.47
N LYS D 55 17.76 -3.61 -3.46
CA LYS D 55 18.80 -4.59 -3.71
C LYS D 55 19.10 -4.66 -5.21
N THR D 56 20.37 -4.45 -5.56
CA THR D 56 20.84 -4.53 -6.93
C THR D 56 21.48 -5.90 -7.16
N LEU D 57 21.29 -6.43 -8.36
CA LEU D 57 21.81 -7.72 -8.76
C LEU D 57 23.12 -7.48 -9.53
N ASN D 58 23.48 -8.39 -10.44
CA ASN D 58 24.75 -8.26 -11.17
C ASN D 58 25.96 -8.13 -10.25
N GLY D 59 25.98 -8.95 -9.20
CA GLY D 59 27.03 -8.90 -8.18
C GLY D 59 26.96 -7.63 -7.33
N ASP D 60 25.75 -7.28 -6.91
CA ASP D 60 25.52 -6.07 -6.09
C ASP D 60 26.15 -4.85 -6.79
N THR D 61 25.82 -4.68 -8.07
CA THR D 61 26.27 -3.55 -8.87
C THR D 61 25.06 -2.83 -9.49
N SER D 62 25.00 -1.50 -9.34
CA SER D 62 24.17 -0.67 -10.22
C SER D 62 24.99 -0.28 -11.44
N LEU D 63 24.55 -0.79 -12.59
CA LEU D 63 25.25 -0.59 -13.83
C LEU D 63 24.96 0.79 -14.35
N ALA D 64 25.90 1.32 -15.12
CA ALA D 64 25.67 2.55 -15.85
C ALA D 64 24.41 2.33 -16.67
N GLY D 65 23.57 3.36 -16.76
CA GLY D 65 22.34 3.26 -17.53
C GLY D 65 21.11 2.87 -16.75
N GLU D 66 21.26 2.42 -15.49
CA GLU D 66 20.11 2.21 -14.62
C GLU D 66 19.52 3.57 -14.22
N PHE D 67 18.29 3.56 -13.75
CA PHE D 67 17.51 4.76 -13.65
C PHE D 67 16.35 4.66 -12.65
N ILE D 68 15.92 5.82 -12.17
CA ILE D 68 14.72 5.95 -11.40
C ILE D 68 14.12 7.34 -11.61
N GLY D 69 12.79 7.41 -11.72
CA GLY D 69 12.12 8.68 -11.88
C GLY D 69 10.63 8.52 -12.06
N LEU D 70 10.04 9.41 -12.85
CA LEU D 70 8.59 9.58 -12.89
C LEU D 70 8.03 9.48 -14.31
N ASP D 71 6.88 8.80 -14.40
CA ASP D 71 5.94 8.95 -15.51
C ASP D 71 4.85 9.84 -14.91
N LEU D 72 4.71 11.05 -15.44
CA LEU D 72 3.81 12.04 -14.86
C LEU D 72 2.34 11.82 -15.26
N GLY D 73 2.11 10.91 -16.21
CA GLY D 73 0.75 10.54 -16.61
C GLY D 73 0.16 11.42 -17.69
N LYS D 74 0.86 12.52 -17.97
CA LYS D 74 0.48 13.49 -18.98
C LYS D 74 1.65 14.46 -19.14
N GLU D 75 1.60 15.28 -20.20
CA GLU D 75 2.58 16.33 -20.41
C GLU D 75 2.33 17.48 -19.44
N ILE D 76 3.39 17.93 -18.77
CA ILE D 76 3.32 19.01 -17.79
C ILE D 76 4.48 19.97 -18.03
N LYS D 77 4.22 21.26 -17.84
CA LYS D 77 5.26 22.30 -17.87
C LYS D 77 5.92 22.39 -16.51
N LEU D 78 7.11 21.84 -16.40
CA LEU D 78 7.80 21.76 -15.12
C LEU D 78 8.57 23.05 -14.90
N ASP D 79 8.49 23.56 -13.68
CA ASP D 79 9.29 24.69 -13.26
C ASP D 79 10.50 24.26 -12.44
N GLY D 80 10.54 22.99 -12.07
CA GLY D 80 11.62 22.43 -11.29
C GLY D 80 11.32 21.03 -10.82
N ILE D 81 12.27 20.44 -10.12
CA ILE D 81 12.08 19.15 -9.45
C ILE D 81 12.71 19.18 -8.07
N ARG D 82 12.26 18.26 -7.22
CA ARG D 82 12.88 18.03 -5.93
C ARG D 82 12.94 16.52 -5.71
N PHE D 83 14.12 15.95 -5.98
CA PHE D 83 14.37 14.53 -5.76
C PHE D 83 15.29 14.37 -4.59
N VAL D 84 14.90 13.56 -3.61
CA VAL D 84 15.77 13.29 -2.47
C VAL D 84 16.32 11.90 -2.63
N ILE D 85 17.61 11.80 -2.93
CA ILE D 85 18.26 10.52 -3.10
C ILE D 85 18.84 10.06 -1.76
N GLY D 86 19.15 8.77 -1.66
CA GLY D 86 19.57 8.21 -0.38
C GLY D 86 18.51 8.20 0.70
N LYS D 87 18.93 7.84 1.90
CA LYS D 87 18.10 7.89 3.11
C LYS D 87 19.05 7.78 4.28
N ASN D 88 18.63 8.23 5.45
CA ASN D 88 19.47 8.16 6.65
C ASN D 88 19.48 6.74 7.23
N GLY D 89 20.55 6.40 7.93
CA GLY D 89 20.70 5.09 8.54
C GLY D 89 21.15 4.01 7.57
N GLY D 90 20.46 2.88 7.59
CA GLY D 90 20.80 1.77 6.72
C GLY D 90 20.83 2.24 5.27
N GLY D 91 21.88 1.86 4.55
CA GLY D 91 21.99 2.21 3.14
C GLY D 91 22.27 3.69 2.86
N SER D 92 22.78 4.42 3.84
CA SER D 92 22.99 5.87 3.69
C SER D 92 24.08 6.23 2.65
N SER D 93 25.00 5.32 2.36
CA SER D 93 26.01 5.56 1.34
C SER D 93 25.69 4.83 0.03
N ASP D 94 24.49 4.24 -0.02
CA ASP D 94 24.05 3.46 -1.16
C ASP D 94 23.43 4.41 -2.21
N LYS D 95 24.32 5.11 -2.91
CA LYS D 95 23.96 6.14 -3.89
C LYS D 95 24.97 6.16 -5.03
N TRP D 96 24.52 6.61 -6.20
CA TRP D 96 25.38 6.75 -7.37
C TRP D 96 26.43 7.84 -7.14
N ASN D 97 27.61 7.63 -7.71
CA ASN D 97 28.67 8.63 -7.69
C ASN D 97 28.45 9.63 -8.80
N LYS D 98 28.07 9.11 -9.96
CA LYS D 98 27.91 9.92 -11.15
C LYS D 98 26.59 9.59 -11.83
N PHE D 99 25.80 10.62 -12.08
CA PHE D 99 24.48 10.43 -12.68
C PHE D 99 23.97 11.72 -13.29
N LYS D 100 22.88 11.62 -14.04
CA LYS D 100 22.32 12.77 -14.77
C LYS D 100 20.79 12.79 -14.67
N LEU D 101 20.27 14.02 -14.68
CA LEU D 101 18.83 14.31 -14.73
C LEU D 101 18.44 14.59 -16.18
N GLU D 102 17.46 13.86 -16.68
CA GLU D 102 17.08 13.96 -18.07
C GLU D 102 15.56 13.84 -18.16
N TYR D 103 14.98 14.34 -19.25
CA TYR D 103 13.52 14.27 -19.43
C TYR D 103 13.16 13.90 -20.86
N SER D 104 11.86 13.67 -21.08
CA SER D 104 11.32 13.22 -22.36
C SER D 104 9.82 13.51 -22.40
N LEU D 105 9.30 13.60 -23.61
CA LEU D 105 7.86 13.74 -23.89
C LEU D 105 7.30 12.36 -24.27
N ASP D 106 8.11 11.53 -24.94
CA ASP D 106 7.64 10.28 -25.53
C ASP D 106 8.47 9.04 -25.17
N ASN D 107 9.31 9.14 -24.15
CA ASN D 107 10.06 7.98 -23.63
C ASN D 107 11.13 7.36 -24.57
N GLU D 108 11.39 7.99 -25.71
CA GLU D 108 12.36 7.48 -26.69
C GLU D 108 13.54 8.45 -26.83
N SER D 109 13.22 9.72 -27.00
CA SER D 109 14.23 10.79 -27.05
C SER D 109 14.32 11.50 -25.70
N TRP D 110 15.55 11.56 -25.19
CA TRP D 110 15.86 12.15 -23.89
C TRP D 110 16.82 13.32 -24.05
N THR D 111 16.60 14.35 -23.23
CA THR D 111 17.47 15.51 -23.14
C THR D 111 17.96 15.62 -21.70
N THR D 112 19.27 15.79 -21.55
CA THR D 112 19.91 15.91 -20.24
C THR D 112 19.84 17.35 -19.78
N ILE D 113 19.31 17.56 -18.59
CA ILE D 113 19.33 18.88 -17.96
C ILE D 113 20.67 19.10 -17.24
N LYS D 114 21.04 18.15 -16.40
CA LYS D 114 22.14 18.34 -15.46
C LYS D 114 22.86 17.02 -15.16
N GLU D 115 24.19 17.11 -14.98
CA GLU D 115 25.02 15.98 -14.58
C GLU D 115 25.61 16.21 -13.19
N TYR D 116 25.68 15.14 -12.40
CA TYR D 116 26.13 15.24 -11.02
C TYR D 116 27.33 14.33 -10.77
N ASP D 117 28.22 14.79 -9.90
CA ASP D 117 29.27 13.95 -9.34
C ASP D 117 29.17 14.10 -7.84
N LYS D 118 28.60 13.07 -7.23
CA LYS D 118 28.39 13.05 -5.79
C LYS D 118 29.34 12.08 -5.10
N THR D 119 30.49 11.81 -5.72
CA THR D 119 31.52 10.95 -5.08
C THR D 119 31.88 11.40 -3.67
N GLY D 120 31.91 12.71 -3.43
CA GLY D 120 32.28 13.24 -2.12
C GLY D 120 31.16 13.74 -1.25
N ALA D 121 29.92 13.45 -1.64
CA ALA D 121 28.75 13.86 -0.87
C ALA D 121 28.70 13.10 0.47
N PRO D 122 28.21 13.74 1.54
CA PRO D 122 28.05 13.04 2.79
C PRO D 122 26.96 11.98 2.73
N ALA D 123 27.10 10.96 3.57
CA ALA D 123 26.16 9.87 3.61
C ALA D 123 24.79 10.42 4.00
N GLY D 124 23.73 9.76 3.57
CA GLY D 124 22.38 10.12 3.96
C GLY D 124 21.59 10.75 2.85
N LYS D 125 20.44 11.32 3.21
CA LYS D 125 19.60 12.01 2.25
C LYS D 125 20.40 13.10 1.56
N ASP D 126 20.13 13.27 0.28
CA ASP D 126 20.69 14.34 -0.51
C ASP D 126 19.55 14.96 -1.31
N VAL D 127 19.15 16.18 -0.93
CA VAL D 127 18.07 16.88 -1.60
C VAL D 127 18.61 17.45 -2.92
N ILE D 128 18.20 16.82 -4.03
CA ILE D 128 18.47 17.28 -5.37
C ILE D 128 17.32 18.18 -5.81
N GLU D 129 17.48 19.48 -5.58
CA GLU D 129 16.48 20.46 -5.94
C GLU D 129 16.96 21.33 -7.11
N GLU D 130 16.15 21.39 -8.18
CA GLU D 130 16.49 22.18 -9.37
C GLU D 130 15.29 23.04 -9.81
N SER D 131 15.56 24.32 -10.11
CA SER D 131 14.56 25.23 -10.71
C SER D 131 14.88 25.51 -12.17
N PHE D 132 13.90 25.34 -13.04
CA PHE D 132 14.08 25.59 -14.46
C PHE D 132 13.64 27.01 -14.84
N GLU D 133 14.61 27.83 -15.25
CA GLU D 133 14.41 29.26 -15.59
C GLU D 133 13.26 29.49 -16.57
N THR D 134 13.27 28.71 -17.65
CA THR D 134 12.11 28.61 -18.53
C THR D 134 11.51 27.20 -18.39
N PRO D 135 10.17 27.12 -18.25
CA PRO D 135 9.45 25.85 -18.11
C PRO D 135 9.82 24.79 -19.14
N ILE D 136 9.94 23.55 -18.68
CA ILE D 136 10.27 22.40 -19.53
C ILE D 136 9.04 21.49 -19.63
N SER D 137 8.60 21.18 -20.85
CA SER D 137 7.48 20.27 -21.06
C SER D 137 8.00 18.84 -21.13
N ALA D 138 7.51 17.99 -20.23
CA ALA D 138 7.91 16.60 -20.15
C ALA D 138 6.74 15.75 -19.66
N LYS D 139 6.68 14.52 -20.15
CA LYS D 139 5.83 13.48 -19.57
C LYS D 139 6.63 12.60 -18.61
N TYR D 140 7.93 12.44 -18.92
CA TYR D 140 8.82 11.59 -18.13
C TYR D 140 10.10 12.38 -17.78
N ILE D 141 10.55 12.23 -16.55
CA ILE D 141 11.79 12.87 -16.06
C ILE D 141 12.45 11.94 -15.03
N ARG D 142 13.76 11.70 -15.16
CA ARG D 142 14.40 10.66 -14.35
C ARG D 142 15.89 10.92 -14.09
N LEU D 143 16.42 10.20 -13.11
CA LEU D 143 17.86 10.12 -12.81
C LEU D 143 18.44 8.83 -13.37
N THR D 144 19.55 8.95 -14.08
CA THR D 144 20.19 7.86 -14.77
C THR D 144 21.67 7.78 -14.36
N ASN D 145 22.08 6.59 -13.89
CA ASN D 145 23.46 6.31 -13.48
C ASN D 145 24.42 6.40 -14.67
N MET D 146 25.58 7.02 -14.45
CA MET D 146 26.59 7.17 -15.50
C MET D 146 27.86 6.35 -15.27
N GLU D 147 27.91 5.66 -14.14
CA GLU D 147 29.10 4.90 -13.74
C GLU D 147 28.75 3.67 -12.92
N ASN D 148 29.23 2.51 -13.35
CA ASN D 148 29.06 1.25 -12.61
C ASN D 148 29.51 1.41 -11.18
N ILE D 149 28.65 0.99 -10.25
CA ILE D 149 28.96 1.14 -8.82
C ILE D 149 28.54 -0.11 -8.06
N ASN D 150 29.46 -0.65 -7.24
CA ASN D 150 29.18 -1.83 -6.42
C ASN D 150 28.39 -1.41 -5.19
N LYS D 151 27.15 -0.98 -5.39
CA LYS D 151 26.28 -0.60 -4.27
C LYS D 151 24.82 -0.98 -4.56
N TRP D 152 24.07 -1.26 -3.49
CA TRP D 152 22.61 -1.19 -3.52
C TRP D 152 22.26 0.29 -3.55
N LEU D 153 20.97 0.63 -3.53
CA LEU D 153 20.53 2.02 -3.77
C LEU D 153 19.34 2.42 -2.90
N THR D 154 19.46 3.55 -2.22
CA THR D 154 18.40 4.08 -1.37
C THR D 154 17.89 5.40 -1.95
N PHE D 155 16.58 5.60 -1.85
CA PHE D 155 15.93 6.82 -2.30
C PHE D 155 14.84 7.19 -1.33
N SER D 156 14.38 8.43 -1.40
CA SER D 156 13.43 8.93 -0.42
C SER D 156 12.23 9.64 -1.01
N GLU D 157 12.40 10.37 -2.12
CA GLU D 157 11.31 11.20 -2.62
C GLU D 157 11.57 11.69 -4.04
N PHE D 158 10.52 11.68 -4.87
CA PHE D 158 10.56 12.23 -6.22
C PHE D 158 9.33 13.07 -6.44
N ALA D 159 9.52 14.38 -6.52
CA ALA D 159 8.46 15.37 -6.73
C ALA D 159 8.81 16.31 -7.87
N ILE D 160 7.80 16.97 -8.41
CA ILE D 160 7.96 18.00 -9.43
C ILE D 160 7.35 19.29 -8.92
N VAL D 161 7.77 20.41 -9.52
CA VAL D 161 7.16 21.71 -9.28
C VAL D 161 6.61 22.23 -10.61
N SER D 162 5.34 22.65 -10.58
CA SER D 162 4.63 23.14 -11.76
C SER D 162 3.62 24.19 -11.33
N ASP D 163 3.89 25.44 -11.69
CA ASP D 163 2.95 26.54 -11.43
C ASP D 163 1.69 26.38 -12.31
N GLU D 164 1.85 25.64 -13.42
CA GLU D 164 0.77 25.13 -14.29
C GLU D 164 0.47 26.10 -15.42
C1 MAN E . 2.00 16.07 4.01
C2 MAN E . 0.59 16.54 3.65
C3 MAN E . 0.83 17.62 2.61
C4 MAN E . 1.64 18.72 3.11
C5 MAN E . 2.86 18.21 3.83
C6 MAN E . 3.60 19.26 4.60
O1 MAN E . 2.30 15.00 4.70
O2 MAN E . -0.13 17.02 4.81
O3 MAN E . -0.38 18.23 2.25
O4 MAN E . 1.88 19.71 2.13
O5 MAN E . 2.68 17.14 4.55
O6 MAN E . 4.58 18.64 5.40
C1 NAG E . -1.13 16.75 5.32
C2 NAG E . -1.30 16.92 6.84
C3 NAG E . -2.70 16.53 7.27
C4 NAG E . -3.76 17.26 6.45
C5 NAG E . -3.46 17.06 4.96
C6 NAG E . -4.45 17.81 4.09
C7 NAG E . 0.85 16.66 8.01
C8 NAG E . 1.83 15.69 8.60
N2 NAG E . -0.31 16.14 7.58
O3 NAG E . -2.89 16.77 8.64
O4 NAG E . -5.05 16.77 6.76
O5 NAG E . -2.14 17.49 4.64
O6 NAG E . -4.31 19.19 4.30
O7 NAG E . 1.13 17.85 7.94
C1 MAN F . -23.13 7.92 -4.00
C2 MAN F . -24.01 7.83 -5.25
C3 MAN F . -25.35 8.12 -4.66
C4 MAN F . -25.74 7.14 -3.62
C5 MAN F . -24.73 7.04 -2.53
C6 MAN F . -25.07 5.94 -1.51
O1 MAN F . -21.92 8.22 -4.33
O2 MAN F . -23.89 6.47 -5.87
O3 MAN F . -26.28 8.12 -5.70
O4 MAN F . -26.96 7.45 -3.10
O5 MAN F . -23.49 6.98 -3.05
O6 MAN F . -24.17 5.76 -0.45
C1 NAG F . -23.31 5.78 -6.66
C2 NAG F . -23.00 4.29 -6.47
C3 NAG F . -22.48 3.58 -7.73
C4 NAG F . -23.25 3.95 -8.99
C5 NAG F . -23.42 5.47 -9.02
C6 NAG F . -24.23 5.93 -10.23
C7 NAG F . -22.46 3.62 -4.19
C8 NAG F . -21.40 3.44 -3.14
N2 NAG F . -22.06 4.05 -5.38
O3 NAG F . -22.46 2.18 -7.57
O4 NAG F . -22.58 3.48 -10.16
O5 NAG F . -24.04 5.94 -7.83
O6 NAG F . -25.46 5.26 -10.21
O7 NAG F . -23.62 3.34 -3.94
C1 MAN G . -2.32 -15.83 -5.03
C2 MAN G . -1.19 -16.77 -5.28
C3 MAN G . -1.76 -17.50 -6.48
C4 MAN G . -3.04 -18.18 -6.24
C5 MAN G . -4.03 -17.18 -5.71
C6 MAN G . -5.33 -17.81 -5.35
O1 MAN G . -2.14 -14.66 -4.97
O2 MAN G . -0.89 -17.52 -4.08
O3 MAN G . -0.88 -18.47 -6.82
O4 MAN G . -3.51 -18.80 -7.39
O5 MAN G . -3.53 -16.39 -4.71
O6 MAN G . -6.18 -16.88 -4.87
C1 NAG G . -0.24 -17.32 -3.16
C2 NAG G . -0.79 -17.85 -1.83
C3 NAG G . 0.23 -17.83 -0.68
C4 NAG G . 1.57 -18.43 -1.11
C5 NAG G . 1.97 -17.73 -2.40
C6 NAG G . 3.33 -18.15 -2.95
C7 NAG G . -3.18 -17.41 -1.71
C8 NAG G . -4.21 -16.34 -1.47
N2 NAG G . -1.94 -17.07 -1.41
O3 NAG G . -0.27 -18.45 0.48
O4 NAG G . 2.52 -18.22 -0.07
O5 NAG G . 1.00 -17.95 -3.40
O6 NAG G . 3.27 -19.51 -3.32
O7 NAG G . -3.47 -18.51 -2.15
C1 MAN H . 23.91 -8.51 1.64
C2 MAN H . 25.19 -7.87 1.03
C3 MAN H . 26.27 -8.57 1.81
C4 MAN H . 26.17 -8.35 3.26
C5 MAN H . 24.82 -8.68 3.76
C6 MAN H . 24.65 -8.26 5.21
O1 MAN H . 22.75 -8.53 1.03
O2 MAN H . 25.22 -6.42 1.16
O3 MAN H . 27.50 -8.03 1.40
O4 MAN H . 27.15 -9.01 3.98
O5 MAN H . 23.82 -8.22 3.00
O6 MAN H . 23.31 -8.38 5.64
C1 NAG H . 25.05 -5.39 0.64
C2 NAG H . 24.60 -4.14 1.40
C3 NAG H . 24.59 -2.86 0.57
C4 NAG H . 25.87 -2.72 -0.22
C5 NAG H . 26.12 -4.02 -0.99
C6 NAG H . 27.37 -3.99 -1.85
C7 NAG H . 23.19 -4.63 3.31
C8 NAG H . 21.81 -4.92 3.80
N2 NAG H . 23.30 -4.32 2.03
O3 NAG H . 24.43 -1.75 1.43
O4 NAG H . 25.75 -1.59 -1.05
O5 NAG H . 26.24 -5.09 -0.05
O6 NAG H . 28.47 -3.62 -1.04
O7 NAG H . 24.15 -4.69 4.08
CA CA I . -6.78 4.31 22.44
CA CA J . -7.63 -9.28 -6.79
CA CA K . -3.82 -11.59 17.58
CA CA L . 9.20 9.64 1.00
#